data_9HIW
#
_entry.id   9HIW
#
_cell.length_a   1.00
_cell.length_b   1.00
_cell.length_c   1.00
_cell.angle_alpha   90.00
_cell.angle_beta   90.00
_cell.angle_gamma   90.00
#
_symmetry.space_group_name_H-M   'P 1'
#
loop_
_entity.id
_entity.type
_entity.pdbx_description
1 polymer Cyclin-A2
2 polymer 'Cyclin-dependent kinase 2'
3 polymer 'Deoxynucleoside triphosphate triphosphohydrolase SAMHD1'
#
loop_
_entity_poly.entity_id
_entity_poly.type
_entity_poly.pdbx_seq_one_letter_code
_entity_poly.pdbx_strand_id
1 'polypeptide(L)'
;MLGNSAPGPATREAGSALLALQQTALQEDQENINPEKAAPVQQPRTRAALAVLKSGNPRGLAQQQRPKTRRVAPLKDLPV
NDEHVTVPPWKANSKQPAFTIHVDEAEKEAQKKPAESQKIEREDALAFNSAISLPGPRKPLVPLDYPMDGSFESPHTMDM
SIVLEDEKPVSVNEVPDYHEDIHTYLREMEVKCKPKVGYMKKQPDITNSMRAILVDWLVEVGEEYKLQNETLHLAVNYID
RFLSSMSVLRGKLQLVGTAAMLLASKFEEIYPPEVAEFVYITDDTYTKKQVLRMEHLVLKVLTFDLAAPTVNQFLTQYFL
HQQPANCKVESLAMFLGELSLIDADPYLKYLPSVIAGAAFHLALYTVTGQSWPESLIRKTGYTLESLKPCLMDLHQTYLK
APQHAQQSIREKYKNSKYHGVSLLNPPETLNL
;
A
2 'polypeptide(L)'
;MENFQKVEKIGEGTYGVVYKARNKLTGEVVALKKIRLDTETEGVPSTAIREISLLKELNHPNIVKLLDVIHTENKLYLVF
EFLHQDLKKFMDASALTGIPLPLIKSYLFQLLQGLAFCHSHRVLHRDLKPQNLLINTEGAIKLADFGLARAFGVPVRTYT
HEVVTLWYRAPEILLGCKYYSTAVDIWSLGCIFAEMVTRRALFPGDSEIDQLFRIFRTLGTPDEVVWPGVTSMPDYKPSF
PKWARQDFSKVVPPLDEDGRSLLSQMLHYDPNKRISAKAALAHPFFQDVTKPVPHLR
;
B
3 'polypeptide(L)' SKSRVQLFKDDPM C
#
# COMPACT_ATOMS: atom_id res chain seq x y z
N TYR A 178 -10.03 7.71 8.87
CA TYR A 178 -10.03 6.64 7.87
C TYR A 178 -9.51 5.33 8.46
N HIS A 179 -9.13 5.37 9.74
CA HIS A 179 -8.58 4.19 10.38
C HIS A 179 -9.63 3.09 10.52
N GLU A 180 -10.81 3.44 11.05
CA GLU A 180 -11.88 2.46 11.17
C GLU A 180 -12.35 2.00 9.79
N ASP A 181 -12.40 2.93 8.83
CA ASP A 181 -12.75 2.54 7.46
C ASP A 181 -11.72 1.57 6.89
N ILE A 182 -10.43 1.81 7.17
CA ILE A 182 -9.39 0.90 6.70
C ILE A 182 -9.56 -0.48 7.32
N HIS A 183 -9.84 -0.53 8.63
CA HIS A 183 -10.02 -1.82 9.28
C HIS A 183 -11.24 -2.55 8.73
N THR A 184 -12.34 -1.83 8.50
CA THR A 184 -13.52 -2.46 7.94
C THR A 184 -13.26 -3.00 6.54
N TYR A 185 -12.55 -2.23 5.72
CA TYR A 185 -12.20 -2.70 4.39
C TYR A 185 -11.28 -3.91 4.45
N LEU A 186 -10.34 -3.92 5.40
CA LEU A 186 -9.46 -5.07 5.57
C LEU A 186 -10.26 -6.32 5.94
N ARG A 187 -11.21 -6.17 6.86
CA ARG A 187 -12.04 -7.30 7.24
C ARG A 187 -12.89 -7.79 6.08
N GLU A 188 -13.43 -6.86 5.29
CA GLU A 188 -14.21 -7.26 4.12
C GLU A 188 -13.36 -7.97 3.08
N MET A 189 -12.12 -7.51 2.90
CA MET A 189 -11.25 -8.04 1.86
C MET A 189 -10.54 -9.32 2.26
N GLU A 190 -10.38 -9.59 3.55
CA GLU A 190 -9.66 -10.79 3.96
C GLU A 190 -10.45 -12.06 3.66
N VAL A 191 -11.78 -11.95 3.60
CA VAL A 191 -12.59 -13.09 3.19
C VAL A 191 -12.40 -13.37 1.70
N LYS A 192 -12.30 -12.32 0.89
CA LYS A 192 -12.09 -12.50 -0.54
C LYS A 192 -10.70 -13.07 -0.83
N CYS A 193 -9.70 -12.67 -0.07
CA CYS A 193 -8.33 -13.12 -0.27
C CYS A 193 -8.00 -14.37 0.56
N LYS A 194 -8.98 -14.93 1.26
CA LYS A 194 -8.72 -16.13 2.05
C LYS A 194 -8.57 -17.34 1.13
N PRO A 195 -7.50 -18.12 1.28
CA PRO A 195 -7.37 -19.35 0.48
C PRO A 195 -8.37 -20.41 0.93
N LYS A 196 -8.68 -21.32 0.01
CA LYS A 196 -9.55 -22.43 0.33
C LYS A 196 -8.92 -23.28 1.44
N VAL A 197 -9.71 -23.59 2.45
CA VAL A 197 -9.23 -24.40 3.56
C VAL A 197 -9.12 -25.85 3.13
N GLY A 198 -8.11 -26.55 3.64
CA GLY A 198 -7.91 -27.94 3.30
C GLY A 198 -7.62 -28.19 1.83
N TYR A 199 -6.82 -27.32 1.20
CA TYR A 199 -6.42 -27.55 -0.18
C TYR A 199 -5.30 -28.57 -0.30
N MET A 200 -4.61 -28.88 0.80
CA MET A 200 -3.52 -29.84 0.75
C MET A 200 -4.03 -31.24 0.44
N LYS A 201 -5.28 -31.54 0.79
CA LYS A 201 -5.86 -32.84 0.48
C LYS A 201 -5.95 -33.05 -1.03
N LYS A 202 -6.28 -31.98 -1.77
CA LYS A 202 -6.36 -32.06 -3.22
C LYS A 202 -5.00 -32.00 -3.90
N GLN A 203 -3.94 -31.74 -3.15
CA GLN A 203 -2.60 -31.71 -3.73
C GLN A 203 -2.09 -33.14 -3.88
N PRO A 204 -1.82 -33.59 -5.10
CA PRO A 204 -1.38 -34.99 -5.27
C PRO A 204 0.00 -35.27 -4.69
N ASP A 205 0.89 -34.28 -4.67
CA ASP A 205 2.28 -34.50 -4.28
C ASP A 205 2.66 -33.78 -2.99
N ILE A 206 2.48 -32.45 -2.94
CA ILE A 206 2.94 -31.68 -1.80
C ILE A 206 2.00 -31.88 -0.61
N THR A 207 2.56 -31.77 0.58
CA THR A 207 1.83 -31.96 1.84
C THR A 207 2.04 -30.75 2.73
N ASN A 208 1.53 -30.86 3.96
CA ASN A 208 1.66 -29.75 4.92
C ASN A 208 3.10 -29.55 5.33
N SER A 209 3.86 -30.63 5.49
CA SER A 209 5.26 -30.51 5.89
C SER A 209 6.08 -29.81 4.81
N MET A 210 5.80 -30.10 3.55
CA MET A 210 6.50 -29.40 2.46
C MET A 210 6.21 -27.91 2.49
N ARG A 211 4.95 -27.54 2.75
CA ARG A 211 4.60 -26.13 2.86
C ARG A 211 5.30 -25.48 4.05
N ALA A 212 5.39 -26.21 5.17
CA ALA A 212 6.10 -25.67 6.34
C ALA A 212 7.58 -25.43 6.03
N ILE A 213 8.21 -26.38 5.33
CA ILE A 213 9.61 -26.21 4.95
C ILE A 213 9.77 -25.03 4.00
N LEU A 214 8.83 -24.89 3.06
CA LEU A 214 8.90 -23.76 2.13
C LEU A 214 8.76 -22.43 2.85
N VAL A 215 7.83 -22.35 3.81
CA VAL A 215 7.66 -21.10 4.56
C VAL A 215 8.88 -20.82 5.41
N ASP A 216 9.50 -21.85 5.99
CA ASP A 216 10.72 -21.66 6.76
C ASP A 216 11.85 -21.14 5.88
N TRP A 217 11.99 -21.69 4.68
CA TRP A 217 12.99 -21.21 3.75
C TRP A 217 12.71 -19.78 3.33
N LEU A 218 11.43 -19.43 3.16
CA LEU A 218 11.09 -18.04 2.85
C LEU A 218 11.45 -17.11 4.00
N VAL A 219 11.27 -17.57 5.25
CA VAL A 219 11.70 -16.77 6.39
C VAL A 219 13.21 -16.53 6.33
N GLU A 220 13.97 -17.58 6.02
CA GLU A 220 15.41 -17.43 5.90
C GLU A 220 15.77 -16.46 4.79
N VAL A 221 15.08 -16.54 3.65
CA VAL A 221 15.36 -15.65 2.53
C VAL A 221 15.04 -14.20 2.90
N GLY A 222 13.91 -13.98 3.58
CA GLY A 222 13.57 -12.63 3.98
C GLY A 222 14.54 -12.05 4.99
N GLU A 223 15.07 -12.90 5.87
CA GLU A 223 16.09 -12.43 6.80
C GLU A 223 17.40 -12.12 6.08
N GLU A 224 17.75 -12.92 5.07
CA GLU A 224 19.01 -12.72 4.36
C GLU A 224 18.99 -11.43 3.54
N TYR A 225 17.84 -11.11 2.93
CA TYR A 225 17.74 -9.96 2.05
C TYR A 225 17.10 -8.75 2.73
N LYS A 226 16.96 -8.78 4.04
CA LYS A 226 16.38 -7.67 4.81
C LYS A 226 14.98 -7.33 4.34
N LEU A 227 14.24 -8.33 3.86
CA LEU A 227 12.86 -8.12 3.45
C LEU A 227 11.98 -7.89 4.67
N GLN A 228 10.92 -7.11 4.48
CA GLN A 228 10.00 -6.82 5.58
C GLN A 228 9.19 -8.07 5.92
N ASN A 229 8.62 -8.06 7.13
CA ASN A 229 7.76 -9.17 7.55
C ASN A 229 6.50 -9.23 6.69
N GLU A 230 5.96 -8.07 6.32
CA GLU A 230 4.78 -8.03 5.46
C GLU A 230 5.07 -8.67 4.11
N THR A 231 6.29 -8.55 3.60
CA THR A 231 6.64 -9.21 2.35
C THR A 231 6.51 -10.71 2.46
N LEU A 232 7.02 -11.29 3.56
CA LEU A 232 6.92 -12.73 3.74
C LEU A 232 5.48 -13.17 3.97
N HIS A 233 4.71 -12.38 4.73
CA HIS A 233 3.30 -12.70 4.93
C HIS A 233 2.55 -12.71 3.60
N LEU A 234 2.80 -11.71 2.76
CA LEU A 234 2.16 -11.66 1.45
C LEU A 234 2.61 -12.83 0.58
N ALA A 235 3.89 -13.20 0.65
CA ALA A 235 4.36 -14.35 -0.12
C ALA A 235 3.66 -15.62 0.31
N VAL A 236 3.47 -15.82 1.61
CA VAL A 236 2.78 -17.00 2.11
C VAL A 236 1.32 -16.98 1.65
N ASN A 237 0.67 -15.81 1.68
CA ASN A 237 -0.70 -15.73 1.21
C ASN A 237 -0.82 -16.06 -0.27
N TYR A 238 0.12 -15.57 -1.08
CA TYR A 238 0.11 -15.88 -2.50
C TYR A 238 0.33 -17.36 -2.73
N ILE A 239 1.24 -17.97 -1.96
CA ILE A 239 1.47 -19.41 -2.09
C ILE A 239 0.19 -20.18 -1.78
N ASP A 240 -0.48 -19.82 -0.68
CA ASP A 240 -1.69 -20.53 -0.30
C ASP A 240 -2.78 -20.38 -1.36
N ARG A 241 -2.96 -19.18 -1.89
CA ARG A 241 -3.99 -18.99 -2.91
C ARG A 241 -3.64 -19.73 -4.21
N PHE A 242 -2.37 -19.69 -4.61
CA PHE A 242 -1.96 -20.37 -5.84
C PHE A 242 -2.12 -21.87 -5.71
N LEU A 243 -1.78 -22.42 -4.54
CA LEU A 243 -1.96 -23.86 -4.32
C LEU A 243 -3.43 -24.23 -4.19
N SER A 244 -4.26 -23.31 -3.69
CA SER A 244 -5.70 -23.55 -3.70
C SER A 244 -6.24 -23.62 -5.12
N SER A 245 -5.75 -22.75 -6.00
CA SER A 245 -6.28 -22.68 -7.36
C SER A 245 -5.48 -23.51 -8.37
N MET A 246 -4.33 -24.04 -7.99
CA MET A 246 -3.50 -24.79 -8.94
C MET A 246 -2.79 -25.93 -8.21
N SER A 247 -2.31 -26.89 -8.99
CA SER A 247 -1.58 -28.04 -8.48
C SER A 247 -0.19 -28.06 -9.09
N VAL A 248 0.81 -28.28 -8.23
CA VAL A 248 2.21 -28.32 -8.66
C VAL A 248 2.87 -29.57 -8.10
N LEU A 249 3.95 -29.99 -8.75
CA LEU A 249 4.66 -31.19 -8.37
C LEU A 249 5.59 -30.89 -7.19
N ARG A 250 6.45 -31.86 -6.85
CA ARG A 250 7.38 -31.67 -5.74
C ARG A 250 8.46 -30.65 -6.09
N GLY A 251 9.03 -30.75 -7.29
CA GLY A 251 10.12 -29.88 -7.68
C GLY A 251 9.71 -28.45 -7.97
N LYS A 252 8.43 -28.21 -8.27
CA LYS A 252 7.96 -26.87 -8.59
C LYS A 252 7.46 -26.10 -7.37
N LEU A 253 7.40 -26.73 -6.20
CA LEU A 253 6.93 -26.02 -5.01
C LEU A 253 7.86 -24.88 -4.63
N GLN A 254 9.17 -25.12 -4.69
CA GLN A 254 10.11 -24.06 -4.38
C GLN A 254 10.09 -22.95 -5.43
N LEU A 255 9.83 -23.31 -6.69
CA LEU A 255 9.67 -22.29 -7.72
C LEU A 255 8.43 -21.44 -7.45
N VAL A 256 7.33 -22.07 -7.03
CA VAL A 256 6.13 -21.32 -6.67
C VAL A 256 6.42 -20.38 -5.51
N GLY A 257 7.12 -20.88 -4.50
CA GLY A 257 7.47 -20.03 -3.36
C GLY A 257 8.36 -18.87 -3.75
N THR A 258 9.33 -19.12 -4.63
CA THR A 258 10.22 -18.06 -5.09
C THR A 258 9.47 -17.01 -5.89
N ALA A 259 8.57 -17.44 -6.78
CA ALA A 259 7.77 -16.48 -7.55
C ALA A 259 6.87 -15.66 -6.63
N ALA A 260 6.27 -16.30 -5.63
CA ALA A 260 5.43 -15.57 -4.69
C ALA A 260 6.25 -14.56 -3.90
N MET A 261 7.47 -14.95 -3.48
CA MET A 261 8.34 -14.02 -2.77
C MET A 261 8.73 -12.84 -3.65
N LEU A 262 9.03 -13.11 -4.93
CA LEU A 262 9.35 -12.04 -5.86
C LEU A 262 8.18 -11.08 -6.04
N LEU A 263 6.97 -11.63 -6.17
CA LEU A 263 5.79 -10.79 -6.31
C LEU A 263 5.55 -9.95 -5.06
N ALA A 264 5.70 -10.56 -3.89
CA ALA A 264 5.50 -9.82 -2.65
C ALA A 264 6.55 -8.72 -2.48
N SER A 265 7.80 -9.00 -2.86
CA SER A 265 8.83 -7.98 -2.79
C SER A 265 8.54 -6.84 -3.75
N LYS A 266 8.09 -7.16 -4.96
CA LYS A 266 7.73 -6.13 -5.92
C LYS A 266 6.58 -5.27 -5.41
N PHE A 267 5.60 -5.90 -4.76
CA PHE A 267 4.44 -5.16 -4.29
C PHE A 267 4.77 -4.29 -3.08
N GLU A 268 5.54 -4.82 -2.12
CA GLU A 268 5.71 -4.18 -0.82
C GLU A 268 7.04 -3.47 -0.66
N GLU A 269 8.14 -4.08 -1.10
CA GLU A 269 9.45 -3.49 -0.87
C GLU A 269 9.67 -2.27 -1.75
N ILE A 270 10.49 -1.34 -1.25
CA ILE A 270 10.89 -0.18 -2.05
C ILE A 270 11.75 -0.61 -3.22
N TYR A 271 12.77 -1.42 -2.96
CA TYR A 271 13.66 -1.95 -3.99
C TYR A 271 13.58 -3.47 -3.93
N PRO A 272 12.72 -4.10 -4.72
CA PRO A 272 12.65 -5.55 -4.74
C PRO A 272 13.97 -6.13 -5.22
N PRO A 273 14.41 -7.25 -4.65
CA PRO A 273 15.63 -7.90 -5.14
C PRO A 273 15.45 -8.35 -6.58
N GLU A 274 16.55 -8.35 -7.33
CA GLU A 274 16.50 -8.71 -8.73
C GLU A 274 16.15 -10.19 -8.90
N VAL A 275 15.65 -10.52 -10.09
CA VAL A 275 15.30 -11.91 -10.39
C VAL A 275 16.53 -12.80 -10.32
N ALA A 276 17.69 -12.27 -10.70
CA ALA A 276 18.93 -13.03 -10.58
C ALA A 276 19.21 -13.40 -9.13
N GLU A 277 18.86 -12.51 -8.19
CA GLU A 277 19.07 -12.81 -6.78
C GLU A 277 18.20 -13.98 -6.34
N PHE A 278 16.95 -14.03 -6.79
CA PHE A 278 16.09 -15.15 -6.44
C PHE A 278 16.55 -16.44 -7.09
N VAL A 279 17.00 -16.37 -8.34
CA VAL A 279 17.57 -17.55 -8.99
C VAL A 279 18.78 -18.05 -8.22
N TYR A 280 19.61 -17.12 -7.73
CA TYR A 280 20.75 -17.49 -6.90
C TYR A 280 20.31 -18.16 -5.61
N ILE A 281 19.31 -17.59 -4.94
CA ILE A 281 18.93 -18.10 -3.63
C ILE A 281 18.23 -19.45 -3.74
N THR A 282 17.67 -19.77 -4.91
CA THR A 282 17.12 -21.10 -5.14
C THR A 282 18.19 -22.15 -5.44
N ASP A 283 19.46 -21.85 -5.16
CA ASP A 283 20.59 -22.74 -5.45
C ASP A 283 20.65 -23.10 -6.93
N ASP A 284 20.27 -22.15 -7.79
CA ASP A 284 20.30 -22.32 -9.25
C ASP A 284 19.49 -23.53 -9.70
N THR A 285 18.41 -23.84 -8.97
CA THR A 285 17.53 -24.92 -9.38
C THR A 285 16.70 -24.52 -10.59
N TYR A 286 16.17 -23.30 -10.59
CA TYR A 286 15.34 -22.78 -11.67
C TYR A 286 16.05 -21.61 -12.32
N THR A 287 16.03 -21.58 -13.65
CA THR A 287 16.63 -20.47 -14.39
C THR A 287 15.77 -19.22 -14.25
N LYS A 288 16.33 -18.09 -14.68
CA LYS A 288 15.62 -16.82 -14.61
C LYS A 288 14.35 -16.86 -15.46
N LYS A 289 14.41 -17.54 -16.61
CA LYS A 289 13.24 -17.67 -17.45
C LYS A 289 12.12 -18.42 -16.74
N GLN A 290 12.46 -19.51 -16.03
CA GLN A 290 11.46 -20.26 -15.30
C GLN A 290 10.85 -19.43 -14.18
N VAL A 291 11.68 -18.66 -13.47
CA VAL A 291 11.18 -17.82 -12.39
C VAL A 291 10.22 -16.75 -12.94
N LEU A 292 10.58 -16.13 -14.07
CA LEU A 292 9.71 -15.13 -14.65
C LEU A 292 8.40 -15.74 -15.16
N ARG A 293 8.49 -16.93 -15.76
CA ARG A 293 7.27 -17.59 -16.23
C ARG A 293 6.36 -17.96 -15.07
N MET A 294 6.93 -18.45 -13.97
CA MET A 294 6.10 -18.75 -12.81
C MET A 294 5.55 -17.49 -12.15
N GLU A 295 6.29 -16.39 -12.21
CA GLU A 295 5.75 -15.12 -11.74
C GLU A 295 4.54 -14.71 -12.57
N HIS A 296 4.64 -14.84 -13.89
CA HIS A 296 3.50 -14.55 -14.75
C HIS A 296 2.33 -15.47 -14.44
N LEU A 297 2.61 -16.76 -14.23
CA LEU A 297 1.54 -17.73 -13.94
C LEU A 297 0.85 -17.41 -12.61
N VAL A 298 1.63 -17.07 -11.58
CA VAL A 298 1.04 -16.75 -10.29
C VAL A 298 0.25 -15.45 -10.37
N LEU A 299 0.73 -14.48 -11.15
CA LEU A 299 -0.03 -13.25 -11.34
C LEU A 299 -1.35 -13.53 -12.05
N LYS A 300 -1.33 -14.40 -13.06
CA LYS A 300 -2.57 -14.74 -13.78
C LYS A 300 -3.54 -15.49 -12.89
N VAL A 301 -3.04 -16.43 -12.08
CA VAL A 301 -3.91 -17.23 -11.23
C VAL A 301 -4.57 -16.37 -10.17
N LEU A 302 -3.78 -15.52 -9.52
CA LEU A 302 -4.33 -14.62 -8.50
C LEU A 302 -5.15 -13.49 -9.09
N THR A 303 -5.16 -13.34 -10.41
CA THR A 303 -5.85 -12.25 -11.10
C THR A 303 -5.39 -10.88 -10.61
N PHE A 304 -4.09 -10.76 -10.32
CA PHE A 304 -3.48 -9.51 -9.87
C PHE A 304 -4.11 -8.99 -8.58
N ASP A 305 -4.57 -9.89 -7.72
CA ASP A 305 -5.10 -9.50 -6.42
C ASP A 305 -4.01 -9.67 -5.36
N LEU A 306 -3.00 -8.81 -5.45
CA LEU A 306 -1.81 -8.92 -4.62
C LEU A 306 -1.89 -8.11 -3.33
N ALA A 307 -2.96 -7.35 -3.13
CA ALA A 307 -3.09 -6.54 -1.91
C ALA A 307 -3.93 -7.31 -0.89
N ALA A 308 -3.40 -8.45 -0.49
CA ALA A 308 -4.09 -9.35 0.43
C ALA A 308 -3.83 -8.94 1.87
N PRO A 309 -4.87 -8.76 2.69
CA PRO A 309 -4.63 -8.51 4.11
C PRO A 309 -3.90 -9.68 4.76
N THR A 310 -2.95 -9.36 5.63
CA THR A 310 -2.16 -10.34 6.33
C THR A 310 -2.33 -10.16 7.83
N VAL A 311 -1.72 -11.06 8.60
CA VAL A 311 -1.72 -10.93 10.06
C VAL A 311 -0.97 -9.67 10.47
N ASN A 312 0.03 -9.27 9.69
CA ASN A 312 0.84 -8.11 10.05
C ASN A 312 0.01 -6.83 10.09
N GLN A 313 -0.87 -6.64 9.10
CA GLN A 313 -1.65 -5.42 9.02
C GLN A 313 -2.64 -5.32 10.17
N PHE A 314 -3.37 -6.40 10.44
CA PHE A 314 -4.30 -6.41 11.56
C PHE A 314 -3.55 -6.25 12.88
N LEU A 315 -2.36 -6.85 12.99
CA LEU A 315 -1.59 -6.71 14.21
C LEU A 315 -1.16 -5.27 14.45
N THR A 316 -0.71 -4.58 13.40
CA THR A 316 -0.37 -3.17 13.56
C THR A 316 -1.60 -2.35 13.94
N GLN A 317 -2.73 -2.61 13.28
CA GLN A 317 -3.96 -1.90 13.61
C GLN A 317 -4.35 -2.09 15.07
N TYR A 318 -4.20 -3.32 15.57
CA TYR A 318 -4.47 -3.57 16.98
C TYR A 318 -3.44 -2.89 17.87
N PHE A 319 -2.20 -2.75 17.38
CA PHE A 319 -1.17 -2.08 18.15
C PHE A 319 -1.51 -0.61 18.37
N LEU A 320 -2.07 0.05 17.36
CA LEU A 320 -2.53 1.42 17.61
C LEU A 320 -3.62 1.52 18.66
N HIS A 321 -4.13 0.39 19.15
CA HIS A 321 -5.20 0.37 20.15
C HIS A 321 -4.75 -0.31 21.44
N GLN A 322 -3.54 -0.03 21.89
CA GLN A 322 -3.02 -0.58 23.14
C GLN A 322 -2.41 0.56 23.97
N GLN A 323 -2.59 0.49 25.28
CA GLN A 323 -2.11 1.53 26.18
C GLN A 323 -1.66 0.93 27.50
N PRO A 324 -0.39 1.12 27.90
CA PRO A 324 0.68 1.81 27.17
C PRO A 324 1.31 0.93 26.10
N ALA A 325 1.95 1.51 25.10
CA ALA A 325 2.58 0.72 24.05
C ALA A 325 3.84 0.05 24.58
N ASN A 326 3.88 -1.28 24.50
CA ASN A 326 5.01 -2.06 24.96
C ASN A 326 5.65 -2.74 23.75
N CYS A 327 6.94 -2.46 23.51
CA CYS A 327 7.62 -3.05 22.37
C CYS A 327 7.70 -4.56 22.47
N LYS A 328 7.79 -5.09 23.70
CA LYS A 328 7.79 -6.54 23.87
C LYS A 328 6.48 -7.16 23.39
N VAL A 329 5.35 -6.51 23.71
CA VAL A 329 4.05 -7.01 23.26
C VAL A 329 4.03 -7.10 21.73
N GLU A 330 4.42 -6.02 21.07
CA GLU A 330 4.38 -5.98 19.61
C GLU A 330 5.33 -7.00 19.00
N SER A 331 6.55 -7.11 19.53
CA SER A 331 7.51 -8.07 18.99
C SER A 331 7.03 -9.49 19.17
N LEU A 332 6.47 -9.82 20.34
CA LEU A 332 5.97 -11.17 20.55
C LEU A 332 4.76 -11.47 19.68
N ALA A 333 3.90 -10.46 19.47
CA ALA A 333 2.76 -10.65 18.58
C ALA A 333 3.21 -10.91 17.14
N MET A 334 4.22 -10.17 16.69
CA MET A 334 4.81 -10.47 15.38
C MET A 334 5.39 -11.87 15.34
N PHE A 335 6.08 -12.28 16.41
CA PHE A 335 6.67 -13.62 16.45
C PHE A 335 5.59 -14.70 16.35
N LEU A 336 4.48 -14.51 17.07
CA LEU A 336 3.41 -15.51 17.06
C LEU A 336 2.68 -15.53 15.71
N GLY A 337 2.45 -14.35 15.13
CA GLY A 337 1.86 -14.31 13.80
C GLY A 337 2.76 -14.96 12.76
N GLU A 338 4.06 -14.81 12.91
CA GLU A 338 5.02 -15.50 12.05
C GLU A 338 4.96 -17.01 12.25
N LEU A 339 4.86 -17.44 13.51
CA LEU A 339 4.76 -18.87 13.80
C LEU A 339 3.50 -19.47 13.17
N SER A 340 2.41 -18.70 13.17
CA SER A 340 1.16 -19.19 12.59
C SER A 340 1.28 -19.43 11.09
N LEU A 341 2.30 -18.88 10.43
CA LEU A 341 2.47 -19.08 9.00
C LEU A 341 3.01 -20.46 8.67
N ILE A 342 3.81 -21.04 9.55
CA ILE A 342 4.48 -22.30 9.23
C ILE A 342 3.48 -23.43 9.08
N ASP A 343 2.56 -23.57 10.02
CA ASP A 343 1.62 -24.67 10.05
C ASP A 343 0.34 -24.26 9.35
N ALA A 344 0.06 -24.88 8.20
CA ALA A 344 -1.24 -24.70 7.56
C ALA A 344 -2.35 -25.24 8.44
N ASP A 345 -2.13 -26.41 9.05
CA ASP A 345 -3.05 -26.95 10.03
C ASP A 345 -2.65 -26.47 11.41
N PRO A 346 -3.54 -25.82 12.16
CA PRO A 346 -4.92 -25.46 11.82
C PRO A 346 -5.11 -23.98 11.52
N TYR A 347 -4.09 -23.27 11.06
CA TYR A 347 -4.17 -21.82 10.92
C TYR A 347 -4.72 -21.37 9.58
N LEU A 348 -4.99 -22.30 8.66
CA LEU A 348 -5.64 -21.95 7.41
C LEU A 348 -7.14 -21.85 7.55
N LYS A 349 -7.71 -22.30 8.66
CA LYS A 349 -9.14 -22.20 8.91
C LYS A 349 -9.50 -20.94 9.69
N TYR A 350 -8.52 -20.09 10.01
CA TYR A 350 -8.77 -18.85 10.73
C TYR A 350 -8.40 -17.67 9.84
N LEU A 351 -9.23 -16.64 9.89
CA LEU A 351 -8.96 -15.43 9.13
C LEU A 351 -7.78 -14.69 9.75
N PRO A 352 -7.06 -13.88 8.96
CA PRO A 352 -5.93 -13.14 9.52
C PRO A 352 -6.30 -12.26 10.70
N SER A 353 -7.52 -11.71 10.73
CA SER A 353 -7.94 -10.90 11.87
C SER A 353 -7.98 -11.73 13.14
N VAL A 354 -8.52 -12.96 13.06
CA VAL A 354 -8.62 -13.80 14.25
C VAL A 354 -7.24 -14.24 14.72
N ILE A 355 -6.35 -14.60 13.79
CA ILE A 355 -5.00 -14.98 14.15
C ILE A 355 -4.28 -13.81 14.80
N ALA A 356 -4.44 -12.61 14.24
CA ALA A 356 -3.80 -11.43 14.82
C ALA A 356 -4.34 -11.13 16.22
N GLY A 357 -5.65 -11.28 16.41
CA GLY A 357 -6.21 -11.07 17.74
C GLY A 357 -5.69 -12.07 18.75
N ALA A 358 -5.61 -13.35 18.35
CA ALA A 358 -5.06 -14.37 19.24
C ALA A 358 -3.61 -14.08 19.58
N ALA A 359 -2.82 -13.69 18.58
CA ALA A 359 -1.41 -13.37 18.82
C ALA A 359 -1.27 -12.18 19.75
N PHE A 360 -2.10 -11.14 19.55
CA PHE A 360 -2.03 -9.97 20.40
C PHE A 360 -2.38 -10.32 21.85
N HIS A 361 -3.45 -11.10 22.04
CA HIS A 361 -3.81 -11.48 23.40
C HIS A 361 -2.74 -12.36 24.04
N LEU A 362 -2.17 -13.29 23.28
CA LEU A 362 -1.15 -14.17 23.82
C LEU A 362 0.09 -13.39 24.22
N ALA A 363 0.51 -12.43 23.39
CA ALA A 363 1.66 -11.60 23.75
C ALA A 363 1.38 -10.75 24.98
N LEU A 364 0.18 -10.15 25.04
CA LEU A 364 -0.18 -9.35 26.21
C LEU A 364 -0.16 -10.18 27.48
N TYR A 365 -0.70 -11.40 27.42
CA TYR A 365 -0.70 -12.26 28.60
C TYR A 365 0.70 -12.74 28.94
N THR A 366 1.54 -12.98 27.94
CA THR A 366 2.86 -13.54 28.19
C THR A 366 3.78 -12.52 28.83
N VAL A 367 3.79 -11.28 28.33
CA VAL A 367 4.76 -10.31 28.83
C VAL A 367 4.17 -9.29 29.80
N THR A 368 2.84 -9.13 29.82
CA THR A 368 2.22 -8.15 30.70
C THR A 368 1.18 -8.76 31.64
N GLY A 369 0.73 -9.99 31.40
CA GLY A 369 -0.30 -10.57 32.24
C GLY A 369 -1.65 -9.94 32.07
N GLN A 370 -1.90 -9.31 30.92
CA GLN A 370 -3.17 -8.67 30.63
C GLN A 370 -3.90 -9.46 29.54
N SER A 371 -5.16 -9.13 29.34
CA SER A 371 -6.03 -9.86 28.43
C SER A 371 -6.33 -9.02 27.19
N TRP A 372 -7.20 -9.55 26.34
CA TRP A 372 -7.64 -8.89 25.12
C TRP A 372 -8.38 -7.61 25.49
N PRO A 373 -7.97 -6.45 24.99
CA PRO A 373 -8.52 -5.18 25.48
C PRO A 373 -9.97 -4.99 25.08
N GLU A 374 -10.69 -4.22 25.91
CA GLU A 374 -12.08 -3.89 25.60
C GLU A 374 -12.18 -2.96 24.40
N SER A 375 -11.20 -2.08 24.22
CA SER A 375 -11.19 -1.22 23.04
C SER A 375 -11.13 -2.04 21.77
N LEU A 376 -10.28 -3.08 21.76
CA LEU A 376 -10.21 -3.97 20.61
C LEU A 376 -11.44 -4.86 20.52
N ILE A 377 -12.08 -5.14 21.65
CA ILE A 377 -13.36 -5.87 21.62
C ILE A 377 -14.39 -5.07 20.84
N ARG A 378 -14.48 -3.76 21.13
CA ARG A 378 -15.42 -2.91 20.42
C ARG A 378 -15.01 -2.73 18.97
N LYS A 379 -13.72 -2.51 18.71
CA LYS A 379 -13.26 -2.23 17.35
C LYS A 379 -13.44 -3.43 16.44
N THR A 380 -13.14 -4.64 16.94
CA THR A 380 -13.13 -5.83 16.10
C THR A 380 -14.39 -6.67 16.25
N GLY A 381 -15.09 -6.58 17.38
CA GLY A 381 -16.19 -7.47 17.65
C GLY A 381 -15.78 -8.85 18.12
N TYR A 382 -14.48 -9.09 18.30
CA TYR A 382 -13.97 -10.38 18.74
C TYR A 382 -13.88 -10.38 20.26
N THR A 383 -14.85 -11.04 20.90
CA THR A 383 -14.73 -11.26 22.34
C THR A 383 -13.64 -12.29 22.61
N LEU A 384 -13.17 -12.32 23.85
CA LEU A 384 -12.15 -13.30 24.23
C LEU A 384 -12.64 -14.73 24.01
N GLU A 385 -13.95 -14.95 24.10
CA GLU A 385 -14.51 -16.26 23.81
C GLU A 385 -14.43 -16.58 22.32
N SER A 386 -14.59 -15.57 21.46
CA SER A 386 -14.58 -15.82 20.02
C SER A 386 -13.23 -16.27 19.52
N LEU A 387 -12.15 -15.78 20.11
CA LEU A 387 -10.80 -16.15 19.71
C LEU A 387 -10.30 -17.44 20.37
N LYS A 388 -11.11 -18.04 21.23
CA LYS A 388 -10.63 -19.17 22.03
C LYS A 388 -10.11 -20.35 21.22
N PRO A 389 -10.76 -20.80 20.13
CA PRO A 389 -10.15 -21.89 19.34
C PRO A 389 -8.78 -21.55 18.80
N CYS A 390 -8.67 -20.44 18.07
CA CYS A 390 -7.37 -20.01 17.57
C CYS A 390 -6.41 -19.69 18.70
N LEU A 391 -6.93 -19.22 19.84
CA LEU A 391 -6.06 -18.94 20.98
C LEU A 391 -5.43 -20.21 21.52
N MET A 392 -6.23 -21.28 21.65
CA MET A 392 -5.67 -22.56 22.09
C MET A 392 -4.68 -23.12 21.07
N ASP A 393 -5.00 -23.00 19.78
CA ASP A 393 -4.08 -23.47 18.76
C ASP A 393 -2.76 -22.70 18.82
N LEU A 394 -2.83 -21.38 19.00
CA LEU A 394 -1.63 -20.57 19.03
C LEU A 394 -0.82 -20.82 20.30
N HIS A 395 -1.50 -21.06 21.42
CA HIS A 395 -0.79 -21.43 22.64
C HIS A 395 -0.07 -22.76 22.46
N GLN A 396 -0.73 -23.72 21.82
CA GLN A 396 -0.08 -25.01 21.56
C GLN A 396 1.14 -24.85 20.67
N THR A 397 1.02 -24.02 19.63
CA THR A 397 2.17 -23.77 18.76
C THR A 397 3.29 -23.07 19.50
N TYR A 398 2.96 -22.11 20.36
CA TYR A 398 3.97 -21.38 21.11
C TYR A 398 4.71 -22.29 22.08
N LEU A 399 3.97 -23.17 22.78
CA LEU A 399 4.61 -24.08 23.72
C LEU A 399 5.55 -25.04 23.02
N LYS A 400 5.13 -25.55 21.86
CA LYS A 400 5.92 -26.51 21.10
C LYS A 400 6.86 -25.85 20.10
N ALA A 401 6.99 -24.51 20.17
CA ALA A 401 7.88 -23.81 19.24
C ALA A 401 9.33 -24.25 19.36
N PRO A 402 9.93 -24.37 20.55
CA PRO A 402 11.34 -24.81 20.61
C PRO A 402 11.57 -26.19 20.02
N GLN A 403 10.59 -27.09 20.11
CA GLN A 403 10.73 -28.44 19.61
C GLN A 403 10.24 -28.61 18.17
N HIS A 404 9.80 -27.53 17.52
CA HIS A 404 9.30 -27.62 16.16
C HIS A 404 10.44 -27.93 15.18
N ALA A 405 10.08 -28.63 14.11
CA ALA A 405 11.08 -29.01 13.11
C ALA A 405 11.69 -27.78 12.45
N GLN A 406 10.86 -26.78 12.14
CA GLN A 406 11.31 -25.56 11.47
C GLN A 406 11.55 -24.49 12.53
N GLN A 407 12.77 -23.93 12.54
CA GLN A 407 13.20 -23.04 13.61
C GLN A 407 13.68 -21.68 13.12
N SER A 408 13.52 -21.37 11.83
CA SER A 408 14.09 -20.12 11.31
C SER A 408 13.42 -18.90 11.91
N ILE A 409 12.11 -18.97 12.21
CA ILE A 409 11.44 -17.84 12.83
C ILE A 409 11.97 -17.62 14.26
N ARG A 410 12.21 -18.71 14.99
CA ARG A 410 12.76 -18.57 16.34
C ARG A 410 14.15 -17.94 16.31
N GLU A 411 14.98 -18.34 15.34
CA GLU A 411 16.29 -17.71 15.20
C GLU A 411 16.17 -16.24 14.80
N LYS A 412 15.22 -15.92 13.92
CA LYS A 412 15.04 -14.55 13.46
C LYS A 412 14.65 -13.63 14.61
N TYR A 413 13.75 -14.09 15.48
CA TYR A 413 13.27 -13.28 16.59
C TYR A 413 14.14 -13.41 17.84
N LYS A 414 15.23 -14.17 17.76
CA LYS A 414 16.24 -14.15 18.81
C LYS A 414 17.02 -12.85 18.82
N ASN A 415 17.08 -12.16 17.68
CA ASN A 415 17.88 -10.96 17.55
C ASN A 415 17.31 -9.85 18.43
N SER A 416 18.18 -8.96 18.88
CA SER A 416 17.78 -7.84 19.73
C SER A 416 16.87 -6.85 19.02
N LYS A 417 16.75 -6.93 17.69
CA LYS A 417 15.80 -6.09 16.98
C LYS A 417 14.37 -6.36 17.43
N TYR A 418 14.06 -7.63 17.70
CA TYR A 418 12.75 -8.04 18.17
C TYR A 418 12.72 -8.29 19.68
N HIS A 419 13.70 -7.75 20.41
CA HIS A 419 13.78 -7.83 21.87
C HIS A 419 13.95 -9.27 22.37
N GLY A 420 14.31 -10.19 21.49
CA GLY A 420 14.48 -11.57 21.90
C GLY A 420 13.22 -12.21 22.45
N VAL A 421 12.08 -11.97 21.80
CA VAL A 421 10.82 -12.48 22.31
C VAL A 421 10.77 -13.99 22.21
N SER A 422 11.49 -14.59 21.26
CA SER A 422 11.55 -16.04 21.17
C SER A 422 12.26 -16.66 22.36
N LEU A 423 13.04 -15.87 23.12
CA LEU A 423 13.67 -16.38 24.33
C LEU A 423 12.67 -16.52 25.47
N LEU A 424 11.62 -15.70 25.49
CA LEU A 424 10.64 -15.76 26.55
C LEU A 424 9.93 -17.11 26.56
N ASN A 425 9.78 -17.68 27.74
CA ASN A 425 9.06 -18.95 27.83
C ASN A 425 7.56 -18.71 27.70
N PRO A 426 6.84 -19.58 27.00
CA PRO A 426 5.40 -19.41 26.88
C PRO A 426 4.71 -19.63 28.22
N PRO A 427 3.59 -18.98 28.47
CA PRO A 427 2.82 -19.28 29.69
C PRO A 427 2.31 -20.72 29.64
N GLU A 428 2.35 -21.38 30.80
CA GLU A 428 2.00 -22.79 30.84
C GLU A 428 0.50 -23.00 30.61
N THR A 429 -0.33 -22.14 31.19
CA THR A 429 -1.77 -22.24 31.05
C THR A 429 -2.36 -20.86 30.83
N LEU A 430 -3.37 -20.80 29.96
CA LEU A 430 -4.10 -19.57 29.69
C LEU A 430 -5.34 -19.54 30.57
N ASN A 431 -5.34 -18.65 31.56
CA ASN A 431 -6.45 -18.55 32.50
C ASN A 431 -7.65 -17.94 31.79
N LEU A 432 -8.58 -18.79 31.39
CA LEU A 432 -9.77 -18.34 30.68
C LEU A 432 -11.04 -18.82 31.37
N MET B 1 -6.94 -8.13 -26.92
CA MET B 1 -6.09 -7.29 -27.75
C MET B 1 -6.73 -7.16 -29.13
N GLU B 2 -7.31 -8.27 -29.61
CA GLU B 2 -7.92 -8.26 -30.93
C GLU B 2 -9.09 -7.29 -31.02
N ASN B 3 -9.91 -7.23 -29.96
CA ASN B 3 -11.10 -6.38 -29.99
C ASN B 3 -10.79 -4.89 -29.88
N PHE B 4 -9.54 -4.53 -29.60
CA PHE B 4 -9.15 -3.13 -29.48
C PHE B 4 -8.32 -2.72 -30.69
N GLN B 5 -8.73 -1.65 -31.36
CA GLN B 5 -8.02 -1.11 -32.52
C GLN B 5 -7.45 0.25 -32.14
N LYS B 6 -6.12 0.34 -32.07
CA LYS B 6 -5.47 1.61 -31.77
C LYS B 6 -5.72 2.61 -32.88
N VAL B 7 -5.94 3.87 -32.50
CA VAL B 7 -6.19 4.93 -33.46
C VAL B 7 -5.24 6.11 -33.33
N GLU B 8 -4.61 6.31 -32.17
CA GLU B 8 -3.66 7.40 -31.98
C GLU B 8 -2.89 7.14 -30.70
N LYS B 9 -1.87 7.97 -30.45
CA LYS B 9 -1.06 7.91 -29.26
C LYS B 9 -1.27 9.17 -28.44
N ILE B 10 -1.55 8.99 -27.15
CA ILE B 10 -1.87 10.12 -26.26
C ILE B 10 -0.85 10.29 -25.14
N GLY B 11 0.11 9.39 -24.99
CA GLY B 11 1.08 9.56 -23.92
C GLY B 11 2.23 8.59 -24.09
N GLU B 12 3.30 8.86 -23.33
CA GLU B 12 4.49 8.02 -23.35
C GLU B 12 4.74 7.38 -21.99
N TYR B 15 5.65 4.75 -16.56
CA TYR B 15 4.84 3.69 -17.14
C TYR B 15 5.23 3.43 -18.60
N GLY B 16 4.25 3.11 -19.42
CA GLY B 16 4.48 2.85 -20.83
C GLY B 16 3.66 3.74 -21.74
N VAL B 17 3.78 3.53 -23.06
CA VAL B 17 3.05 4.33 -24.02
C VAL B 17 1.57 3.96 -23.97
N VAL B 18 0.71 4.97 -23.84
CA VAL B 18 -0.73 4.78 -23.72
C VAL B 18 -1.38 5.29 -25.00
N TYR B 19 -2.25 4.45 -25.58
CA TYR B 19 -2.93 4.76 -26.82
C TYR B 19 -4.42 4.99 -26.55
N LYS B 20 -5.11 5.49 -27.58
CA LYS B 20 -6.56 5.58 -27.57
C LYS B 20 -7.11 4.46 -28.45
N ALA B 21 -7.93 3.59 -27.86
CA ALA B 21 -8.38 2.38 -28.52
C ALA B 21 -9.90 2.32 -28.55
N ARG B 22 -10.43 1.80 -29.64
CA ARG B 22 -11.86 1.59 -29.83
C ARG B 22 -12.16 0.10 -29.72
N ASN B 23 -13.12 -0.25 -28.89
CA ASN B 23 -13.56 -1.64 -28.80
C ASN B 23 -14.28 -2.04 -30.09
N LYS B 24 -13.88 -3.16 -30.67
CA LYS B 24 -14.50 -3.61 -31.91
C LYS B 24 -15.88 -4.20 -31.67
N LEU B 25 -16.12 -4.75 -30.48
CA LEU B 25 -17.41 -5.36 -30.17
C LEU B 25 -18.35 -4.37 -29.48
N THR B 26 -17.94 -3.84 -28.32
CA THR B 26 -18.80 -2.92 -27.59
C THR B 26 -18.86 -1.56 -28.28
N GLY B 27 -17.73 -1.07 -28.77
CA GLY B 27 -17.66 0.22 -29.41
C GLY B 27 -17.18 1.35 -28.51
N GLU B 28 -17.05 1.11 -27.21
CA GLU B 28 -16.58 2.13 -26.30
C GLU B 28 -15.10 2.42 -26.55
N VAL B 29 -14.72 3.67 -26.35
CA VAL B 29 -13.34 4.11 -26.55
C VAL B 29 -12.61 4.04 -25.22
N VAL B 30 -11.43 3.42 -25.23
CA VAL B 30 -10.68 3.15 -24.01
C VAL B 30 -9.23 3.58 -24.18
N ALA B 31 -8.55 3.75 -23.05
CA ALA B 31 -7.12 3.98 -23.03
C ALA B 31 -6.40 2.64 -22.91
N LEU B 32 -5.30 2.50 -23.66
CA LEU B 32 -4.66 1.21 -23.88
C LEU B 32 -3.19 1.26 -23.50
N LYS B 33 -2.89 1.74 -22.29
CA LYS B 33 -1.52 1.77 -21.82
C LYS B 33 -0.90 0.39 -21.87
N LYS B 34 0.28 0.30 -22.46
CA LYS B 34 0.96 -0.97 -22.68
C LYS B 34 2.30 -0.98 -21.96
N ILE B 35 2.70 -2.17 -21.53
CA ILE B 35 3.97 -2.39 -20.84
C ILE B 35 4.73 -3.48 -21.56
N ARG B 36 5.99 -3.22 -21.90
CA ARG B 36 6.82 -4.17 -22.63
C ARG B 36 7.53 -5.08 -21.63
N LEU B 37 7.06 -6.33 -21.54
CA LEU B 37 7.66 -7.31 -20.65
C LEU B 37 8.83 -7.97 -21.37
N ASP B 38 10.05 -7.62 -20.98
CA ASP B 38 11.23 -8.17 -21.63
C ASP B 38 11.58 -9.55 -21.08
N THR B 41 14.12 -9.57 -18.10
CA THR B 41 14.92 -8.57 -17.42
C THR B 41 14.57 -8.52 -15.93
N GLU B 42 13.36 -8.06 -15.63
CA GLU B 42 12.86 -8.06 -14.26
C GLU B 42 11.46 -8.62 -14.14
N GLY B 43 10.84 -9.07 -15.21
CA GLY B 43 9.46 -9.50 -15.16
C GLY B 43 8.51 -8.32 -15.22
N VAL B 44 7.30 -8.55 -14.69
CA VAL B 44 6.32 -7.46 -14.64
C VAL B 44 6.85 -6.36 -13.73
N PRO B 45 6.87 -5.10 -14.18
CA PRO B 45 7.40 -4.03 -13.33
C PRO B 45 6.60 -3.88 -12.04
N SER B 46 7.30 -3.53 -10.98
CA SER B 46 6.63 -3.34 -9.69
C SER B 46 5.61 -2.22 -9.76
N THR B 47 5.89 -1.18 -10.55
CA THR B 47 4.94 -0.09 -10.71
C THR B 47 3.65 -0.58 -11.35
N ALA B 48 3.76 -1.37 -12.42
CA ALA B 48 2.56 -1.91 -13.06
C ALA B 48 1.84 -2.88 -12.14
N ILE B 49 2.59 -3.69 -11.40
CA ILE B 49 1.97 -4.65 -10.48
C ILE B 49 1.14 -3.92 -9.43
N ARG B 50 1.73 -2.88 -8.83
CA ARG B 50 0.99 -2.10 -7.84
C ARG B 50 -0.21 -1.39 -8.46
N GLU B 51 -0.03 -0.83 -9.67
CA GLU B 51 -1.13 -0.12 -10.31
C GLU B 51 -2.31 -1.05 -10.56
N ILE B 52 -2.04 -2.26 -11.07
CA ILE B 52 -3.13 -3.19 -11.35
C ILE B 52 -3.75 -3.70 -10.06
N SER B 53 -2.93 -4.05 -9.06
CA SER B 53 -3.45 -4.65 -7.85
C SER B 53 -4.20 -3.65 -6.98
N LEU B 54 -3.92 -2.36 -7.11
CA LEU B 54 -4.62 -1.36 -6.32
C LEU B 54 -5.75 -0.69 -7.08
N LEU B 55 -5.64 -0.56 -8.41
CA LEU B 55 -6.68 0.11 -9.16
C LEU B 55 -7.93 -0.75 -9.29
N LYS B 56 -7.76 -2.06 -9.44
CA LYS B 56 -8.90 -2.95 -9.54
C LYS B 56 -9.64 -3.09 -8.21
N GLU B 57 -9.00 -2.72 -7.10
CA GLU B 57 -9.67 -2.69 -5.81
C GLU B 57 -10.45 -1.40 -5.58
N LEU B 58 -10.19 -0.36 -6.37
CA LEU B 58 -10.84 0.94 -6.21
C LEU B 58 -11.89 1.11 -7.29
N ASN B 59 -13.15 1.28 -6.88
CA ASN B 59 -14.26 1.49 -7.80
C ASN B 59 -15.00 2.74 -7.32
N HIS B 60 -14.57 3.90 -7.80
CA HIS B 60 -15.17 5.17 -7.45
C HIS B 60 -15.45 5.97 -8.70
N PRO B 61 -16.48 6.83 -8.67
CA PRO B 61 -16.70 7.73 -9.81
C PRO B 61 -15.50 8.62 -10.12
N ASN B 62 -14.84 9.17 -9.12
CA ASN B 62 -13.70 10.05 -9.33
C ASN B 62 -12.37 9.31 -9.22
N ILE B 63 -12.28 8.17 -9.91
CA ILE B 63 -11.04 7.39 -10.02
C ILE B 63 -11.08 6.70 -11.37
N VAL B 64 -10.02 6.86 -12.18
CA VAL B 64 -9.98 6.22 -13.48
C VAL B 64 -10.08 4.71 -13.27
N LYS B 65 -11.16 4.11 -13.77
CA LYS B 65 -11.40 2.70 -13.54
C LYS B 65 -10.63 1.84 -14.52
N LEU B 66 -10.07 0.75 -14.01
CA LEU B 66 -9.36 -0.24 -14.81
C LEU B 66 -10.35 -1.35 -15.12
N LEU B 67 -10.91 -1.34 -16.32
CA LEU B 67 -11.98 -2.25 -16.67
C LEU B 67 -11.49 -3.54 -17.33
N ASP B 68 -10.21 -3.66 -17.64
CA ASP B 68 -9.68 -4.88 -18.23
C ASP B 68 -8.16 -4.85 -18.17
N VAL B 69 -7.58 -6.04 -18.01
CA VAL B 69 -6.13 -6.24 -18.05
C VAL B 69 -5.86 -7.44 -18.96
N ILE B 70 -5.09 -7.22 -20.01
CA ILE B 70 -4.70 -8.29 -20.93
C ILE B 70 -3.26 -8.64 -20.59
N HIS B 71 -3.06 -9.74 -19.87
CA HIS B 71 -1.74 -10.18 -19.45
C HIS B 71 -1.31 -11.30 -20.38
N THR B 72 -0.52 -10.95 -21.40
CA THR B 72 0.02 -11.95 -22.29
C THR B 72 1.44 -12.34 -21.85
N GLU B 73 2.01 -13.30 -22.57
CA GLU B 73 3.32 -13.83 -22.18
C GLU B 73 4.42 -12.80 -22.37
N ASN B 74 4.32 -11.98 -23.41
CA ASN B 74 5.38 -11.03 -23.72
C ASN B 74 5.01 -9.58 -23.49
N LYS B 75 3.72 -9.25 -23.44
CA LYS B 75 3.27 -7.87 -23.27
C LYS B 75 2.13 -7.83 -22.26
N LEU B 76 1.99 -6.68 -21.61
CA LEU B 76 0.92 -6.45 -20.65
C LEU B 76 0.15 -5.21 -21.07
N TYR B 77 -1.17 -5.36 -21.21
CA TYR B 77 -2.04 -4.30 -21.67
C TYR B 77 -3.00 -3.91 -20.56
N LEU B 78 -3.06 -2.62 -20.25
CA LEU B 78 -4.01 -2.08 -19.28
C LEU B 78 -5.06 -1.27 -20.02
N VAL B 79 -6.33 -1.54 -19.71
CA VAL B 79 -7.44 -0.88 -20.37
C VAL B 79 -8.16 -0.01 -19.36
N PHE B 80 -8.06 1.31 -19.53
CA PHE B 80 -8.74 2.27 -18.70
C PHE B 80 -9.87 2.92 -19.49
N GLU B 81 -10.85 3.45 -18.76
CA GLU B 81 -11.85 4.29 -19.39
C GLU B 81 -11.18 5.54 -19.97
N PHE B 82 -11.57 5.92 -21.17
CA PHE B 82 -10.93 7.03 -21.86
C PHE B 82 -11.53 8.35 -21.42
N LEU B 83 -10.69 9.28 -21.01
CA LEU B 83 -11.10 10.64 -20.68
C LEU B 83 -10.39 11.61 -21.60
N HIS B 84 -11.03 12.76 -21.81
CA HIS B 84 -10.63 13.68 -22.87
C HIS B 84 -9.17 14.11 -22.73
N GLN B 85 -8.80 14.59 -21.54
CA GLN B 85 -7.46 15.10 -21.31
C GLN B 85 -7.23 15.18 -19.80
N ASP B 86 -6.02 15.57 -19.42
CA ASP B 86 -5.68 15.73 -18.01
C ASP B 86 -5.78 17.19 -17.61
N LEU B 87 -5.58 17.45 -16.31
CA LEU B 87 -5.71 18.80 -15.80
C LEU B 87 -4.59 19.72 -16.29
N LYS B 88 -3.48 19.17 -16.76
CA LYS B 88 -2.38 20.00 -17.25
C LYS B 88 -2.79 20.75 -18.51
N LYS B 89 -3.33 20.04 -19.50
CA LYS B 89 -3.74 20.69 -20.73
C LYS B 89 -4.91 21.64 -20.49
N PHE B 90 -5.81 21.29 -19.57
CA PHE B 90 -6.92 22.19 -19.26
C PHE B 90 -6.41 23.46 -18.58
N MET B 91 -5.40 23.33 -17.72
CA MET B 91 -4.75 24.51 -17.16
C MET B 91 -4.13 25.36 -18.24
N ASP B 92 -3.43 24.72 -19.19
CA ASP B 92 -2.73 25.46 -20.23
C ASP B 92 -3.71 26.20 -21.14
N ALA B 93 -4.83 25.56 -21.50
CA ALA B 93 -5.81 26.19 -22.37
C ALA B 93 -6.44 27.41 -21.70
N SER B 94 -6.78 27.30 -20.43
CA SER B 94 -7.39 28.41 -19.70
C SER B 94 -6.32 29.25 -19.00
N ALA B 95 -5.37 29.71 -19.80
CA ALA B 95 -4.29 30.57 -19.32
C ALA B 95 -4.61 32.05 -19.46
N LEU B 96 -5.30 32.45 -20.53
CA LEU B 96 -5.67 33.85 -20.70
C LEU B 96 -6.61 34.31 -19.59
N THR B 97 -7.62 33.50 -19.27
CA THR B 97 -8.55 33.80 -18.19
C THR B 97 -8.58 32.63 -17.22
N GLY B 98 -8.88 32.93 -15.96
CA GLY B 98 -8.88 31.91 -14.94
C GLY B 98 -10.01 30.91 -15.15
N ILE B 99 -9.75 29.68 -14.70
CA ILE B 99 -10.80 28.66 -14.74
C ILE B 99 -11.94 29.10 -13.82
N PRO B 100 -13.19 28.95 -14.21
CA PRO B 100 -14.29 29.47 -13.37
C PRO B 100 -14.23 28.92 -11.95
N LEU B 101 -14.49 29.81 -10.98
CA LEU B 101 -14.44 29.41 -9.59
C LEU B 101 -15.40 28.28 -9.24
N PRO B 102 -16.66 28.26 -9.71
CA PRO B 102 -17.48 27.06 -9.47
C PRO B 102 -16.86 25.80 -10.02
N LEU B 103 -16.22 25.88 -11.19
CA LEU B 103 -15.54 24.71 -11.73
C LEU B 103 -14.36 24.29 -10.87
N ILE B 104 -13.61 25.27 -10.34
CA ILE B 104 -12.51 24.97 -9.43
C ILE B 104 -13.03 24.25 -8.19
N LYS B 105 -14.12 24.76 -7.62
CA LYS B 105 -14.69 24.15 -6.43
C LYS B 105 -15.19 22.74 -6.71
N SER B 106 -15.86 22.55 -7.85
CA SER B 106 -16.34 21.21 -8.19
C SER B 106 -15.19 20.24 -8.40
N TYR B 107 -14.13 20.68 -9.10
CA TYR B 107 -12.99 19.82 -9.32
C TYR B 107 -12.30 19.44 -8.01
N LEU B 108 -12.14 20.42 -7.11
CA LEU B 108 -11.55 20.13 -5.81
C LEU B 108 -12.42 19.16 -5.02
N PHE B 109 -13.75 19.34 -5.07
CA PHE B 109 -14.65 18.43 -4.38
C PHE B 109 -14.51 17.01 -4.90
N GLN B 110 -14.49 16.85 -6.22
CA GLN B 110 -14.38 15.50 -6.80
C GLN B 110 -13.02 14.89 -6.51
N LEU B 111 -11.95 15.67 -6.57
CA LEU B 111 -10.63 15.16 -6.26
C LEU B 111 -10.54 14.72 -4.80
N LEU B 112 -11.11 15.52 -3.90
CA LEU B 112 -11.11 15.14 -2.48
C LEU B 112 -11.96 13.90 -2.24
N GLN B 113 -13.06 13.75 -2.98
CA GLN B 113 -13.87 12.55 -2.88
C GLN B 113 -13.08 11.32 -3.30
N GLY B 114 -12.38 11.42 -4.43
CA GLY B 114 -11.55 10.31 -4.87
C GLY B 114 -10.42 10.00 -3.90
N LEU B 115 -9.81 11.04 -3.34
CA LEU B 115 -8.75 10.84 -2.36
C LEU B 115 -9.27 10.20 -1.08
N ALA B 116 -10.46 10.60 -0.64
CA ALA B 116 -11.05 10.00 0.55
C ALA B 116 -11.42 8.55 0.30
N PHE B 117 -11.84 8.23 -0.92
CA PHE B 117 -12.08 6.83 -1.27
C PHE B 117 -10.79 6.03 -1.27
N CYS B 118 -9.71 6.62 -1.78
CA CYS B 118 -8.43 5.93 -1.79
C CYS B 118 -7.87 5.74 -0.39
N HIS B 119 -8.11 6.72 0.49
CA HIS B 119 -7.56 6.67 1.84
C HIS B 119 -8.41 5.85 2.80
N SER B 120 -9.72 5.76 2.54
CA SER B 120 -10.55 4.83 3.30
C SER B 120 -10.15 3.39 3.00
N HIS B 121 -9.73 3.15 1.77
CA HIS B 121 -9.01 1.92 1.42
C HIS B 121 -7.55 2.13 1.78
N ARG B 122 -6.73 1.11 1.55
CA ARG B 122 -5.30 1.18 1.89
C ARG B 122 -4.52 1.55 0.63
N VAL B 123 -4.79 2.75 0.11
CA VAL B 123 -4.11 3.21 -1.10
C VAL B 123 -3.61 4.63 -0.86
N LEU B 124 -2.35 4.87 -1.22
CA LEU B 124 -1.72 6.18 -1.16
C LEU B 124 -1.24 6.54 -2.56
N HIS B 125 -1.79 7.61 -3.14
CA HIS B 125 -1.48 7.94 -4.53
C HIS B 125 -0.02 8.34 -4.69
N ARG B 126 0.45 9.27 -3.86
CA ARG B 126 1.84 9.73 -3.81
C ARG B 126 2.30 10.43 -5.08
N ASP B 127 1.44 10.58 -6.09
CA ASP B 127 1.83 11.21 -7.33
C ASP B 127 0.72 12.13 -7.82
N LEU B 128 0.11 12.88 -6.90
CA LEU B 128 -1.01 13.75 -7.24
C LEU B 128 -0.48 15.03 -7.88
N LYS B 129 -0.35 15.01 -9.19
CA LYS B 129 0.01 16.18 -9.98
C LYS B 129 -1.01 16.35 -11.08
N PRO B 130 -1.16 17.57 -11.62
CA PRO B 130 -2.20 17.81 -12.63
C PRO B 130 -2.09 16.90 -13.84
N GLN B 131 -0.89 16.42 -14.18
CA GLN B 131 -0.75 15.46 -15.25
C GLN B 131 -1.43 14.12 -14.93
N ASN B 132 -1.70 13.86 -13.65
CA ASN B 132 -2.28 12.61 -13.20
C ASN B 132 -3.76 12.72 -12.88
N LEU B 133 -4.42 13.80 -13.30
CA LEU B 133 -5.84 14.00 -13.05
C LEU B 133 -6.56 14.12 -14.39
N LEU B 134 -7.16 13.02 -14.84
CA LEU B 134 -7.85 13.01 -16.11
C LEU B 134 -9.18 13.77 -16.02
N ILE B 135 -9.61 14.30 -17.17
CA ILE B 135 -10.81 15.13 -17.25
C ILE B 135 -11.68 14.59 -18.38
N ASN B 136 -12.97 14.44 -18.11
CA ASN B 136 -13.93 14.03 -19.13
C ASN B 136 -14.73 15.22 -19.63
N THR B 137 -15.53 14.97 -20.66
CA THR B 137 -16.31 16.05 -21.27
C THR B 137 -17.50 16.47 -20.41
N GLU B 138 -18.05 15.54 -19.62
CA GLU B 138 -19.23 15.83 -18.83
C GLU B 138 -18.93 16.73 -17.65
N GLY B 139 -17.66 16.85 -17.24
CA GLY B 139 -17.30 17.71 -16.13
C GLY B 139 -16.92 16.95 -14.88
N ALA B 140 -16.26 15.81 -15.03
CA ALA B 140 -15.85 14.99 -13.91
C ALA B 140 -14.34 14.75 -14.00
N ILE B 141 -13.64 14.98 -12.90
CA ILE B 141 -12.20 14.80 -12.82
C ILE B 141 -11.91 13.54 -12.02
N LYS B 142 -10.95 12.74 -12.48
CA LYS B 142 -10.67 11.44 -11.90
C LYS B 142 -9.17 11.28 -11.66
N LEU B 143 -8.83 10.62 -10.56
CA LEU B 143 -7.44 10.27 -10.30
C LEU B 143 -6.97 9.22 -11.30
N ALA B 144 -5.72 9.35 -11.73
CA ALA B 144 -5.13 8.42 -12.68
C ALA B 144 -3.66 8.22 -12.34
N ASP B 145 -3.02 7.32 -13.09
CA ASP B 145 -1.59 7.02 -12.95
C ASP B 145 -1.25 6.59 -11.52
N PHE B 146 -1.80 5.42 -11.17
CA PHE B 146 -1.54 4.79 -9.88
C PHE B 146 -0.26 3.96 -9.88
N GLY B 147 0.66 4.22 -10.80
CA GLY B 147 1.90 3.46 -10.83
C GLY B 147 2.72 3.63 -9.57
N LEU B 148 2.76 4.84 -9.04
CA LEU B 148 3.49 5.12 -7.81
C LEU B 148 2.67 4.86 -6.56
N ALA B 149 1.43 4.39 -6.69
CA ALA B 149 0.59 4.15 -5.53
C ALA B 149 1.12 2.99 -4.70
N ARG B 150 0.99 3.10 -3.39
CA ARG B 150 1.43 2.08 -2.45
C ARG B 150 0.32 1.81 -1.44
N ALA B 151 0.22 0.55 -1.02
CA ALA B 151 -0.74 0.14 -0.01
C ALA B 151 -0.11 0.36 1.37
N PHE B 152 -0.82 1.07 2.24
CA PHE B 152 -0.30 1.45 3.55
C PHE B 152 -1.07 0.79 4.69
N GLY B 153 -1.44 -0.48 4.51
CA GLY B 153 -1.94 -1.25 5.63
C GLY B 153 -0.92 -1.31 6.76
N VAL B 154 0.36 -1.45 6.40
CA VAL B 154 1.47 -1.24 7.31
C VAL B 154 2.14 0.05 6.88
N PRO B 155 2.85 0.76 7.77
CA PRO B 155 3.47 2.03 7.37
C PRO B 155 4.40 1.86 6.17
N VAL B 156 4.35 2.83 5.26
CA VAL B 156 5.11 2.79 4.02
C VAL B 156 6.35 3.65 4.20
N ARG B 157 7.51 3.07 3.92
CA ARG B 157 8.77 3.78 4.07
C ARG B 157 9.01 4.70 2.89
N THR B 158 9.47 5.91 3.18
CA THR B 158 9.78 6.88 2.13
C THR B 158 10.96 6.41 1.30
N TYR B 159 10.88 6.64 -0.01
CA TYR B 159 11.94 6.22 -0.92
C TYR B 159 13.24 6.96 -0.64
N THR B 165 6.04 14.74 -9.31
CA THR B 165 7.34 15.38 -9.49
C THR B 165 7.83 15.98 -8.19
N LEU B 166 8.55 17.09 -8.28
CA LEU B 166 9.11 17.76 -7.11
C LEU B 166 8.26 18.93 -6.65
N TRP B 167 7.49 19.55 -7.55
CA TRP B 167 6.72 20.74 -7.20
C TRP B 167 5.62 20.43 -6.20
N TYR B 168 5.12 19.19 -6.19
CA TYR B 168 4.01 18.80 -5.33
C TYR B 168 4.44 17.84 -4.23
N ARG B 169 5.71 17.91 -3.83
CA ARG B 169 6.22 17.08 -2.76
C ARG B 169 5.99 17.76 -1.41
N ALA B 170 5.51 16.99 -0.44
CA ALA B 170 5.21 17.55 0.87
C ALA B 170 6.49 17.99 1.56
N PRO B 171 6.41 18.95 2.48
CA PRO B 171 7.62 19.37 3.20
C PRO B 171 8.26 18.27 4.02
N GLU B 172 7.52 17.24 4.40
CA GLU B 172 8.09 16.14 5.16
C GLU B 172 9.00 15.29 4.28
N ILE B 173 8.54 14.95 3.08
CA ILE B 173 9.36 14.16 2.17
C ILE B 173 10.64 14.90 1.84
N LEU B 174 10.55 16.23 1.68
CA LEU B 174 11.76 17.02 1.51
C LEU B 174 12.61 17.02 2.77
N LEU B 175 11.98 17.09 3.94
CA LEU B 175 12.71 17.13 5.21
C LEU B 175 12.92 15.75 5.80
N GLY B 176 13.39 14.82 4.97
CA GLY B 176 13.81 13.51 5.45
C GLY B 176 12.79 12.71 6.22
N CYS B 177 11.54 12.70 5.76
CA CYS B 177 10.53 11.88 6.42
C CYS B 177 10.83 10.40 6.25
N LYS B 178 10.52 9.63 7.28
CA LYS B 178 10.76 8.19 7.26
C LYS B 178 9.57 7.41 6.71
N TYR B 179 8.36 7.87 7.00
CA TYR B 179 7.14 7.17 6.61
C TYR B 179 6.22 8.09 5.84
N TYR B 180 5.57 7.54 4.81
CA TYR B 180 4.56 8.28 4.08
C TYR B 180 3.25 8.32 4.87
N SER B 181 2.34 9.17 4.43
CA SER B 181 1.01 9.27 5.04
C SER B 181 0.08 9.92 4.03
N THR B 182 -1.20 9.98 4.41
CA THR B 182 -2.19 10.65 3.59
C THR B 182 -1.93 12.15 3.49
N ALA B 183 -1.16 12.70 4.44
CA ALA B 183 -0.90 14.13 4.43
C ALA B 183 -0.11 14.56 3.21
N VAL B 184 0.73 13.68 2.65
CA VAL B 184 1.47 14.06 1.45
C VAL B 184 0.52 14.18 0.26
N ASP B 185 -0.49 13.31 0.18
CA ASP B 185 -1.49 13.43 -0.86
C ASP B 185 -2.33 14.69 -0.67
N ILE B 186 -2.66 15.01 0.59
CA ILE B 186 -3.41 16.23 0.86
C ILE B 186 -2.60 17.46 0.48
N TRP B 187 -1.29 17.44 0.76
CA TRP B 187 -0.43 18.55 0.38
C TRP B 187 -0.35 18.70 -1.14
N SER B 188 -0.22 17.59 -1.86
CA SER B 188 -0.20 17.66 -3.31
C SER B 188 -1.52 18.21 -3.84
N LEU B 189 -2.64 17.81 -3.25
CA LEU B 189 -3.93 18.34 -3.66
C LEU B 189 -4.04 19.83 -3.37
N GLY B 190 -3.46 20.28 -2.25
CA GLY B 190 -3.45 21.71 -1.96
C GLY B 190 -2.62 22.50 -2.96
N CYS B 191 -1.47 21.95 -3.35
CA CYS B 191 -0.66 22.59 -4.38
C CYS B 191 -1.42 22.64 -5.70
N ILE B 192 -2.13 21.57 -6.05
CA ILE B 192 -2.92 21.55 -7.27
C ILE B 192 -4.04 22.57 -7.20
N PHE B 193 -4.67 22.71 -6.03
CA PHE B 193 -5.72 23.69 -5.84
C PHE B 193 -5.19 25.12 -6.03
N ALA B 194 -4.04 25.42 -5.44
CA ALA B 194 -3.45 26.75 -5.61
C ALA B 194 -3.06 26.99 -7.06
N GLU B 195 -2.53 25.96 -7.74
CA GLU B 195 -2.20 26.10 -9.15
C GLU B 195 -3.44 26.35 -9.99
N MET B 196 -4.54 25.68 -9.66
CA MET B 196 -5.79 25.90 -10.37
C MET B 196 -6.29 27.32 -10.17
N VAL B 197 -6.21 27.82 -8.94
CA VAL B 197 -6.73 29.15 -8.64
C VAL B 197 -5.88 30.23 -9.31
N THR B 198 -4.56 30.15 -9.16
CA THR B 198 -3.67 31.20 -9.64
C THR B 198 -3.10 30.93 -11.03
N ARG B 199 -3.44 29.80 -11.64
CA ARG B 199 -3.01 29.43 -13.00
C ARG B 199 -1.51 29.23 -13.11
N ARG B 200 -0.78 29.23 -12.00
CA ARG B 200 0.66 29.01 -12.01
C ARG B 200 1.03 28.09 -10.85
N ALA B 201 2.11 27.35 -11.03
CA ALA B 201 2.56 26.40 -10.01
C ALA B 201 2.89 27.13 -8.71
N LEU B 202 2.38 26.60 -7.60
CA LEU B 202 2.57 27.25 -6.31
C LEU B 202 4.04 27.23 -5.88
N PHE B 203 4.70 26.09 -6.03
CA PHE B 203 6.09 25.91 -5.60
C PHE B 203 6.90 25.35 -6.76
N PRO B 204 7.32 26.21 -7.69
CA PRO B 204 8.12 25.74 -8.81
C PRO B 204 9.59 25.60 -8.44
N GLY B 205 9.91 24.59 -7.64
CA GLY B 205 11.27 24.37 -7.19
C GLY B 205 12.11 23.63 -8.22
N ASP B 206 13.39 23.97 -8.29
CA ASP B 206 14.33 23.32 -9.19
C ASP B 206 15.10 22.20 -8.54
N SER B 207 15.31 22.25 -7.23
CA SER B 207 16.03 21.21 -6.51
C SER B 207 15.29 20.92 -5.21
N GLU B 208 15.77 19.88 -4.51
CA GLU B 208 15.15 19.49 -3.25
C GLU B 208 15.32 20.56 -2.18
N ILE B 209 16.24 21.50 -2.35
CA ILE B 209 16.45 22.57 -1.38
C ILE B 209 15.78 23.84 -1.88
N ASP B 210 15.78 24.06 -3.19
CA ASP B 210 15.10 25.23 -3.73
C ASP B 210 13.60 25.14 -3.53
N GLN B 211 13.02 23.95 -3.73
CA GLN B 211 11.61 23.75 -3.46
C GLN B 211 11.27 24.00 -2.00
N LEU B 212 12.11 23.50 -1.10
CA LEU B 212 11.91 23.74 0.33
C LEU B 212 11.99 25.22 0.67
N PHE B 213 12.95 25.92 0.06
CA PHE B 213 13.07 27.35 0.31
C PHE B 213 11.86 28.12 -0.22
N ARG B 214 11.32 27.69 -1.37
CA ARG B 214 10.10 28.31 -1.89
C ARG B 214 8.93 28.09 -0.95
N ILE B 215 8.80 26.86 -0.42
CA ILE B 215 7.73 26.58 0.55
C ILE B 215 7.90 27.45 1.78
N PHE B 216 9.14 27.60 2.26
CA PHE B 216 9.39 28.44 3.42
C PHE B 216 9.07 29.90 3.13
N ARG B 217 9.40 30.37 1.94
CA ARG B 217 9.09 31.75 1.57
C ARG B 217 7.58 31.98 1.55
N THR B 218 6.82 31.01 1.02
CA THR B 218 5.38 31.19 0.89
C THR B 218 4.67 31.06 2.24
N LEU B 219 5.06 30.09 3.05
CA LEU B 219 4.32 29.76 4.26
C LEU B 219 5.11 30.02 5.54
N GLY B 220 6.26 30.66 5.45
CA GLY B 220 7.06 30.91 6.63
C GLY B 220 7.87 29.71 7.05
N THR B 221 9.06 29.93 7.60
CA THR B 221 9.89 28.83 8.06
C THR B 221 9.27 28.20 9.29
N PRO B 222 9.04 26.88 9.30
CA PRO B 222 8.34 26.26 10.42
C PRO B 222 9.21 26.17 11.66
N ASP B 223 8.71 26.71 12.76
CA ASP B 223 9.35 26.55 14.05
C ASP B 223 8.86 25.26 14.71
N GLU B 224 9.28 25.03 15.95
CA GLU B 224 8.79 23.86 16.66
C GLU B 224 7.36 24.06 17.15
N VAL B 225 6.94 25.30 17.39
CA VAL B 225 5.58 25.55 17.81
C VAL B 225 4.60 25.32 16.66
N VAL B 226 4.99 25.68 15.44
CA VAL B 226 4.13 25.46 14.28
C VAL B 226 4.04 23.97 13.95
N TRP B 227 5.19 23.30 13.96
CA TRP B 227 5.30 21.89 13.58
C TRP B 227 6.22 21.20 14.59
N PRO B 228 5.67 20.51 15.57
CA PRO B 228 6.52 19.86 16.57
C PRO B 228 7.39 18.77 15.97
N GLY B 229 8.69 19.00 15.92
CA GLY B 229 9.61 17.97 15.46
C GLY B 229 10.46 18.33 14.25
N VAL B 230 10.40 19.58 13.78
CA VAL B 230 11.21 19.96 12.62
C VAL B 230 12.69 19.90 12.96
N THR B 231 13.05 20.26 14.20
CA THR B 231 14.46 20.25 14.58
C THR B 231 15.05 18.85 14.48
N SER B 232 14.29 17.83 14.87
CA SER B 232 14.75 16.44 14.81
C SER B 232 14.28 15.76 13.53
N MET B 233 14.77 16.27 12.40
CA MET B 233 14.55 15.64 11.11
C MET B 233 15.87 15.46 10.39
N PRO B 234 16.00 14.39 9.59
CA PRO B 234 17.29 14.13 8.92
C PRO B 234 17.74 15.23 7.97
N ASP B 235 16.81 15.87 7.27
CA ASP B 235 17.15 16.85 6.24
C ASP B 235 16.94 18.29 6.70
N TYR B 236 16.73 18.51 7.99
CA TYR B 236 16.54 19.87 8.50
C TYR B 236 17.88 20.42 8.98
N LYS B 237 18.24 21.59 8.45
CA LYS B 237 19.49 22.24 8.79
C LYS B 237 19.23 23.54 9.54
N PRO B 238 20.06 23.88 10.52
CA PRO B 238 19.90 25.18 11.20
C PRO B 238 20.13 26.38 10.30
N SER B 239 20.83 26.20 9.17
CA SER B 239 21.07 27.28 8.24
C SER B 239 19.87 27.45 7.30
N PHE B 240 18.68 27.59 7.86
CA PHE B 240 17.46 27.81 7.10
C PHE B 240 16.98 29.23 7.36
N PRO B 241 16.83 30.07 6.33
CA PRO B 241 16.37 31.44 6.55
C PRO B 241 14.99 31.46 7.21
N LYS B 242 14.81 32.38 8.15
CA LYS B 242 13.57 32.47 8.93
C LYS B 242 12.60 33.42 8.23
N TRP B 243 12.05 32.94 7.11
CA TRP B 243 11.05 33.71 6.39
C TRP B 243 9.74 33.76 7.17
N ALA B 244 9.00 34.84 6.97
CA ALA B 244 7.70 35.00 7.62
C ALA B 244 6.61 34.39 6.76
N ARG B 245 5.47 34.10 7.39
CA ARG B 245 4.35 33.52 6.67
C ARG B 245 3.64 34.59 5.85
N GLN B 246 3.67 34.43 4.53
CA GLN B 246 2.97 35.38 3.66
C GLN B 246 1.48 35.28 3.86
N ASP B 247 0.82 36.44 3.91
CA ASP B 247 -0.63 36.46 4.03
C ASP B 247 -1.26 35.73 2.84
N PHE B 248 -2.28 34.91 3.13
CA PHE B 248 -2.86 34.08 2.10
C PHE B 248 -3.60 34.88 1.04
N SER B 249 -3.97 36.13 1.34
CA SER B 249 -4.58 36.97 0.30
C SER B 249 -3.59 37.34 -0.78
N LYS B 250 -2.30 37.39 -0.45
CA LYS B 250 -1.29 37.72 -1.45
C LYS B 250 -0.99 36.55 -2.37
N VAL B 251 -0.94 35.33 -1.84
CA VAL B 251 -0.56 34.18 -2.65
C VAL B 251 -1.71 33.74 -3.54
N VAL B 252 -2.93 33.71 -2.99
CA VAL B 252 -4.11 33.32 -3.76
C VAL B 252 -5.16 34.42 -3.67
N PRO B 253 -5.04 35.48 -4.45
CA PRO B 253 -6.02 36.58 -4.40
C PRO B 253 -7.44 36.12 -4.70
N PRO B 254 -7.68 35.37 -5.80
CA PRO B 254 -9.08 35.09 -6.17
C PRO B 254 -9.85 34.29 -5.13
N LEU B 255 -9.17 33.54 -4.27
CA LEU B 255 -9.86 32.69 -3.32
C LEU B 255 -10.58 33.53 -2.26
N ASP B 256 -11.80 33.10 -1.91
CA ASP B 256 -12.58 33.77 -0.90
C ASP B 256 -12.05 33.38 0.49
N GLU B 257 -12.74 33.81 1.54
CA GLU B 257 -12.29 33.54 2.90
C GLU B 257 -12.32 32.04 3.19
N ASP B 258 -13.41 31.37 2.81
CA ASP B 258 -13.51 29.94 3.06
C ASP B 258 -12.52 29.15 2.21
N GLY B 259 -12.36 29.54 0.95
CA GLY B 259 -11.37 28.88 0.11
C GLY B 259 -9.96 29.06 0.62
N ARG B 260 -9.62 30.27 1.07
CA ARG B 260 -8.31 30.53 1.63
C ARG B 260 -8.10 29.74 2.91
N SER B 261 -9.13 29.63 3.75
CA SER B 261 -9.03 28.81 4.96
C SER B 261 -8.80 27.35 4.62
N LEU B 262 -9.51 26.83 3.61
CA LEU B 262 -9.32 25.44 3.21
C LEU B 262 -7.92 25.21 2.67
N LEU B 263 -7.42 26.15 1.87
CA LEU B 263 -6.06 26.01 1.34
C LEU B 263 -5.03 26.07 2.47
N SER B 264 -5.24 26.94 3.45
CA SER B 264 -4.32 27.02 4.58
C SER B 264 -4.33 25.74 5.40
N GLN B 265 -5.51 25.17 5.64
CA GLN B 265 -5.60 23.91 6.38
C GLN B 265 -5.05 22.76 5.55
N MET B 266 -5.10 22.87 4.23
CA MET B 266 -4.68 21.80 3.33
C MET B 266 -3.20 21.87 2.99
N LEU B 267 -2.51 22.93 3.42
CA LEU B 267 -1.07 23.05 3.28
C LEU B 267 -0.38 23.17 4.63
N HIS B 268 -0.93 22.54 5.66
CA HIS B 268 -0.35 22.59 6.99
C HIS B 268 1.00 21.87 6.99
N TYR B 269 1.97 22.45 7.70
CA TYR B 269 3.28 21.83 7.80
C TYR B 269 3.21 20.50 8.55
N ASP B 270 2.46 20.47 9.64
CA ASP B 270 2.37 19.27 10.46
C ASP B 270 1.47 18.24 9.79
N PRO B 271 1.98 17.05 9.45
CA PRO B 271 1.11 16.05 8.82
C PRO B 271 -0.05 15.62 9.70
N ASN B 272 0.17 15.56 11.02
CA ASN B 272 -0.92 15.18 11.92
C ASN B 272 -2.01 16.24 11.94
N LYS B 273 -1.63 17.52 11.94
CA LYS B 273 -2.61 18.60 11.97
C LYS B 273 -3.13 18.96 10.59
N ARG B 274 -2.52 18.45 9.52
CA ARG B 274 -3.03 18.71 8.18
C ARG B 274 -4.40 18.09 8.01
N ILE B 275 -5.27 18.79 7.27
CA ILE B 275 -6.62 18.30 7.06
C ILE B 275 -6.59 16.99 6.28
N SER B 276 -7.65 16.21 6.42
CA SER B 276 -7.81 14.96 5.70
C SER B 276 -8.88 15.14 4.62
N ALA B 277 -8.86 14.24 3.63
CA ALA B 277 -9.81 14.33 2.54
C ALA B 277 -11.25 14.23 3.05
N LYS B 278 -11.50 13.30 3.97
CA LYS B 278 -12.83 13.17 4.55
C LYS B 278 -13.23 14.44 5.30
N ALA B 279 -12.30 15.03 6.05
CA ALA B 279 -12.60 16.27 6.77
C ALA B 279 -12.67 17.45 5.83
N ALA B 280 -11.83 17.48 4.80
CA ALA B 280 -11.88 18.57 3.83
C ALA B 280 -13.17 18.56 3.03
N LEU B 281 -13.77 17.38 2.83
CA LEU B 281 -15.04 17.30 2.13
C LEU B 281 -16.18 17.96 2.89
N ALA B 282 -16.01 18.20 4.18
CA ALA B 282 -17.04 18.83 5.01
C ALA B 282 -16.78 20.31 5.22
N HIS B 283 -15.84 20.91 4.49
CA HIS B 283 -15.51 22.30 4.70
C HIS B 283 -16.64 23.21 4.22
N PRO B 284 -16.80 24.38 4.83
CA PRO B 284 -17.78 25.35 4.33
C PRO B 284 -17.49 25.83 2.92
N PHE B 285 -16.27 25.66 2.43
CA PHE B 285 -15.95 26.02 1.05
C PHE B 285 -16.75 25.20 0.04
N PHE B 286 -17.24 24.03 0.44
CA PHE B 286 -17.92 23.11 -0.46
C PHE B 286 -19.44 23.10 -0.28
N GLN B 287 -20.00 24.13 0.36
CA GLN B 287 -21.43 24.14 0.64
C GLN B 287 -22.27 24.30 -0.63
N ASP B 288 -21.70 24.85 -1.69
CA ASP B 288 -22.44 25.15 -2.92
C ASP B 288 -21.75 24.53 -4.13
N VAL B 289 -21.39 23.25 -4.01
CA VAL B 289 -20.66 22.56 -5.07
C VAL B 289 -21.66 22.17 -6.15
N THR B 290 -21.51 22.76 -7.34
CA THR B 290 -22.26 22.35 -8.52
C THR B 290 -21.39 21.40 -9.34
N LYS B 291 -21.83 21.10 -10.57
CA LYS B 291 -21.06 20.27 -11.49
C LYS B 291 -20.99 20.96 -12.86
N PRO B 292 -20.24 22.06 -12.95
CA PRO B 292 -20.12 22.75 -14.24
C PRO B 292 -19.27 21.95 -15.22
N VAL B 293 -19.56 22.15 -16.50
CA VAL B 293 -18.78 21.51 -17.56
C VAL B 293 -17.52 22.33 -17.80
N PRO B 294 -16.43 21.72 -18.28
CA PRO B 294 -15.21 22.47 -18.59
C PRO B 294 -15.36 23.31 -19.86
N LYS C 2 22.74 -22.29 5.08
CA LYS C 2 22.46 -20.94 4.61
C LYS C 2 21.09 -20.88 3.94
N SER C 3 20.67 -19.69 3.53
CA SER C 3 19.41 -19.54 2.82
C SER C 3 19.46 -20.17 1.43
N ARG C 4 20.61 -20.09 0.76
CA ARG C 4 20.79 -20.74 -0.54
C ARG C 4 20.77 -22.25 -0.33
N VAL C 5 19.68 -22.89 -0.75
CA VAL C 5 19.53 -24.34 -0.67
C VAL C 5 18.38 -24.75 -1.58
N GLN C 6 18.55 -25.90 -2.23
CA GLN C 6 17.50 -26.49 -3.04
C GLN C 6 16.60 -27.31 -2.13
N LEU C 7 15.34 -26.90 -2.03
CA LEU C 7 14.39 -27.61 -1.19
C LEU C 7 13.91 -28.88 -1.87
N PHE C 8 13.55 -29.88 -1.05
CA PHE C 8 12.97 -31.13 -1.52
C PHE C 8 13.86 -31.81 -2.56
N LYS C 9 15.09 -32.11 -2.14
CA LYS C 9 16.03 -32.78 -3.01
C LYS C 9 15.71 -34.27 -3.11
#